data_5AOB
#
_entry.id   5AOB
#
_cell.length_a   61.684
_cell.length_b   70.578
_cell.length_c   75.305
_cell.angle_alpha   90.00
_cell.angle_beta   90.00
_cell.angle_gamma   90.00
#
_symmetry.space_group_name_H-M   'P 21 21 21'
#
loop_
_entity.id
_entity.type
_entity.pdbx_description
1 polymer ESTERASE
2 non-polymer 'TETRAETHYLENE GLYCOL'
3 non-polymer 'butanoic acid'
4 non-polymer 1,2-ETHANEDIOL
5 non-polymer 'CHLORIDE ION'
6 non-polymer DI(HYDROXYETHYL)ETHER
7 water water
#
_entity_poly.entity_id   1
_entity_poly.type   'polypeptide(L)'
_entity_poly.pdbx_seq_one_letter_code
;AEVGRLRYPPEMPGAEVKVYKKVDNVDLKLYIYKPADWKPADRRSAIVFFFGGGWQSGSPAQFRPQCEYFAGRGMVAMAA
DYRVGSRHNVKVADCVADAKSAIRWVRQHAAELGVDPQKIVASGGSAGGHLAACTVMVPDLEAPEEDHTISSQANAAILF
NPVLILSREGLKDHVPRQDWEERLRERLGTEPKAVSPYHHIRAGLPPMIIFHGTADNTVPFETIRLFAEAMKKAGNRCEL
VPFEGAAHGFFNFGRGDNLAYQKTLELADEFLVEIGFLAPKGESQP
;
_entity_poly.pdbx_strand_id   A
#
# COMPACT_ATOMS: atom_id res chain seq x y z
N ARG A 5 -13.97 10.25 -12.64
CA ARG A 5 -14.13 11.56 -11.94
C ARG A 5 -13.12 11.79 -10.76
N LEU A 6 -12.00 11.06 -10.77
CA LEU A 6 -10.87 11.28 -9.86
C LEU A 6 -9.73 11.87 -10.70
N ARG A 7 -9.34 13.08 -10.37
CA ARG A 7 -8.54 13.87 -11.28
C ARG A 7 -7.07 13.50 -11.18
N TYR A 8 -6.40 13.46 -12.32
CA TYR A 8 -4.95 13.30 -12.34
C TYR A 8 -4.34 14.38 -13.24
N PRO A 9 -3.41 15.21 -12.74
CA PRO A 9 -2.94 15.26 -11.35
C PRO A 9 -4.01 15.82 -10.39
N PRO A 10 -4.06 15.34 -9.14
CA PRO A 10 -5.12 15.75 -8.19
C PRO A 10 -4.86 17.14 -7.57
N GLU A 11 -5.91 17.84 -7.10
CA GLU A 11 -5.68 19.17 -6.47
CA GLU A 11 -5.72 19.17 -6.47
C GLU A 11 -4.96 18.99 -5.15
N MET A 12 -5.51 18.09 -4.32
CA MET A 12 -4.98 17.79 -2.98
C MET A 12 -4.85 19.08 -2.16
N PRO A 13 -5.99 19.78 -1.91
CA PRO A 13 -5.91 21.03 -1.17
C PRO A 13 -5.32 20.82 0.21
N GLY A 14 -4.45 21.74 0.58
CA GLY A 14 -3.75 21.70 1.85
C GLY A 14 -2.53 20.79 1.91
N ALA A 15 -2.22 20.06 0.83
CA ALA A 15 -1.06 19.16 0.83
C ALA A 15 0.19 19.95 0.51
N GLU A 16 1.28 19.61 1.18
CA GLU A 16 2.60 19.98 0.74
C GLU A 16 3.04 18.99 -0.32
N VAL A 17 3.68 19.44 -1.38
CA VAL A 17 4.07 18.56 -2.48
C VAL A 17 5.58 18.40 -2.48
N LYS A 18 6.03 17.14 -2.49
CA LYS A 18 7.44 16.81 -2.64
C LYS A 18 7.64 15.78 -3.75
N VAL A 19 8.64 16.02 -4.58
CA VAL A 19 9.03 15.06 -5.59
C VAL A 19 9.89 14.02 -4.91
N TYR A 20 9.42 12.77 -4.89
CA TYR A 20 10.18 11.74 -4.25
C TYR A 20 11.04 10.96 -5.22
N LYS A 21 10.73 11.01 -6.50
CA LYS A 21 11.50 10.25 -7.49
C LYS A 21 11.36 10.92 -8.84
N LYS A 22 12.48 11.00 -9.55
CA LYS A 22 12.50 11.50 -10.93
C LYS A 22 12.91 10.33 -11.79
N VAL A 23 12.07 9.99 -12.77
CA VAL A 23 12.26 8.79 -13.58
C VAL A 23 11.50 8.90 -14.90
N ASP A 24 12.10 8.45 -16.00
CA ASP A 24 11.48 8.54 -17.34
C ASP A 24 10.96 9.94 -17.64
N ASN A 25 11.69 10.96 -17.19
CA ASN A 25 11.28 12.35 -17.34
C ASN A 25 9.95 12.73 -16.62
N VAL A 26 9.57 11.97 -15.58
CA VAL A 26 8.41 12.37 -14.76
C VAL A 26 8.84 12.52 -13.31
N ASP A 27 8.33 13.58 -12.69
CA ASP A 27 8.45 13.81 -11.28
C ASP A 27 7.31 13.11 -10.54
N LEU A 28 7.66 12.09 -9.78
CA LEU A 28 6.68 11.39 -8.97
C LEU A 28 6.59 12.09 -7.62
N LYS A 29 5.36 12.46 -7.24
CA LYS A 29 5.07 13.31 -6.08
C LYS A 29 4.39 12.60 -4.92
N LEU A 30 4.74 13.06 -3.72
CA LEU A 30 4.04 12.80 -2.47
C LEU A 30 3.24 14.03 -2.10
N TYR A 31 1.99 13.80 -1.70
CA TYR A 31 1.10 14.86 -1.26
C TYR A 31 1.00 14.69 0.24
N ILE A 32 1.64 15.59 0.97
CA ILE A 32 1.91 15.42 2.39
C ILE A 32 0.99 16.27 3.27
N TYR A 33 0.37 15.59 4.24
CA TYR A 33 -0.53 16.22 5.20
C TYR A 33 0.06 16.14 6.58
N LYS A 34 0.33 17.31 7.14
CA LYS A 34 0.86 17.37 8.48
C LYS A 34 -0.21 17.72 9.50
N PRO A 35 -0.02 17.31 10.75
CA PRO A 35 -0.93 17.72 11.83
C PRO A 35 -0.75 19.19 12.16
N ALA A 36 -1.79 19.77 12.78
CA ALA A 36 -1.82 21.23 13.08
C ALA A 36 -0.66 21.66 13.95
N ASP A 37 -0.22 20.78 14.85
CA ASP A 37 0.85 21.12 15.79
C ASP A 37 2.20 20.54 15.36
N TRP A 38 2.37 20.29 14.06
CA TRP A 38 3.60 19.72 13.54
C TRP A 38 4.75 20.69 13.74
N LYS A 39 5.88 20.17 14.23
CA LYS A 39 7.15 20.90 14.30
C LYS A 39 8.29 20.01 13.79
N PRO A 40 9.36 20.62 13.25
CA PRO A 40 10.44 19.85 12.59
C PRO A 40 11.11 18.69 13.35
N ALA A 41 11.35 18.82 14.64
CA ALA A 41 12.03 17.75 15.39
C ALA A 41 11.07 16.67 15.94
N ASP A 42 9.82 16.70 15.52
CA ASP A 42 8.86 15.66 15.93
C ASP A 42 9.32 14.34 15.42
N ARG A 43 8.87 13.26 16.04
CA ARG A 43 9.14 11.91 15.54
CA ARG A 43 9.15 11.90 15.57
C ARG A 43 7.81 11.15 15.45
N ARG A 44 6.98 11.61 14.54
CA ARG A 44 5.62 11.06 14.35
C ARG A 44 5.64 9.78 13.52
N SER A 45 4.58 8.97 13.65
CA SER A 45 4.39 7.86 12.70
C SER A 45 3.95 8.47 11.37
N ALA A 46 4.23 7.76 10.29
CA ALA A 46 3.87 8.26 8.98
C ALA A 46 3.06 7.20 8.26
N ILE A 47 2.23 7.64 7.32
CA ILE A 47 1.52 6.67 6.48
C ILE A 47 1.58 7.13 5.04
N VAL A 48 1.85 6.19 4.12
CA VAL A 48 1.97 6.48 2.70
C VAL A 48 0.92 5.65 1.98
N PHE A 49 -0.03 6.30 1.30
CA PHE A 49 -1.09 5.61 0.57
C PHE A 49 -0.81 5.50 -0.92
N PHE A 50 -1.04 4.31 -1.48
CA PHE A 50 -0.95 4.07 -2.90
C PHE A 50 -2.33 3.75 -3.44
N PHE A 51 -2.76 4.60 -4.38
CA PHE A 51 -4.03 4.44 -5.08
C PHE A 51 -4.17 3.14 -5.86
N GLY A 52 -5.41 2.74 -6.11
CA GLY A 52 -5.72 1.58 -6.96
C GLY A 52 -6.04 2.01 -8.36
N GLY A 53 -6.31 1.04 -9.20
CA GLY A 53 -6.50 1.25 -10.65
C GLY A 53 -5.80 0.26 -11.54
N GLY A 54 -5.57 -0.95 -11.05
CA GLY A 54 -5.07 -2.06 -11.88
C GLY A 54 -3.67 -1.89 -12.41
N TRP A 55 -2.89 -1.04 -11.75
CA TRP A 55 -1.57 -0.64 -12.22
C TRP A 55 -1.63 0.07 -13.59
N GLN A 56 -2.82 0.53 -13.99
CA GLN A 56 -3.08 1.17 -15.29
C GLN A 56 -3.48 2.62 -15.17
N SER A 57 -4.27 2.94 -14.15
CA SER A 57 -4.79 4.26 -13.94
C SER A 57 -5.02 4.52 -12.43
N GLY A 58 -5.67 5.63 -12.10
CA GLY A 58 -5.97 6.02 -10.73
C GLY A 58 -5.37 7.37 -10.37
N SER A 59 -5.59 7.78 -9.12
CA SER A 59 -5.13 9.08 -8.67
C SER A 59 -4.92 9.08 -7.17
N PRO A 60 -3.85 9.75 -6.70
CA PRO A 60 -3.66 9.97 -5.25
C PRO A 60 -4.85 10.63 -4.53
N ALA A 61 -5.75 11.27 -5.28
CA ALA A 61 -6.98 11.83 -4.72
C ALA A 61 -7.85 10.81 -4.01
N GLN A 62 -7.75 9.55 -4.41
CA GLN A 62 -8.52 8.48 -3.81
C GLN A 62 -8.34 8.46 -2.30
N PHE A 63 -7.13 8.68 -1.85
CA PHE A 63 -6.82 8.58 -0.44
C PHE A 63 -6.67 9.92 0.31
N ARG A 64 -7.11 11.01 -0.32
CA ARG A 64 -7.09 12.31 0.36
CA ARG A 64 -7.15 12.34 0.34
C ARG A 64 -7.90 12.28 1.66
N PRO A 65 -9.11 11.70 1.65
CA PRO A 65 -9.87 11.73 2.92
C PRO A 65 -9.17 11.01 4.08
N GLN A 66 -8.56 9.87 3.78
CA GLN A 66 -7.81 9.10 4.78
C GLN A 66 -6.57 9.84 5.25
N CYS A 67 -5.88 10.54 4.34
CA CYS A 67 -4.73 11.37 4.76
C CYS A 67 -5.13 12.47 5.73
N GLU A 68 -6.25 13.14 5.44
CA GLU A 68 -6.76 14.19 6.31
C GLU A 68 -7.12 13.59 7.67
N TYR A 69 -7.73 12.41 7.67
CA TYR A 69 -8.07 11.76 8.93
C TYR A 69 -6.84 11.50 9.77
N PHE A 70 -5.83 10.87 9.17
CA PHE A 70 -4.65 10.46 9.93
C PHE A 70 -3.74 11.61 10.30
N ALA A 71 -3.68 12.65 9.49
CA ALA A 71 -3.05 13.90 9.92
C ALA A 71 -3.75 14.51 11.14
N GLY A 72 -5.09 14.51 11.16
CA GLY A 72 -5.84 14.92 12.36
C GLY A 72 -5.50 14.11 13.61
N ARG A 73 -5.12 12.85 13.42
CA ARG A 73 -4.72 12.03 14.54
C ARG A 73 -3.23 12.15 14.92
N GLY A 74 -2.48 13.03 14.27
CA GLY A 74 -1.07 13.25 14.65
C GLY A 74 -0.03 12.59 13.76
N MET A 75 -0.45 11.92 12.68
CA MET A 75 0.50 11.32 11.75
C MET A 75 0.88 12.28 10.64
N VAL A 76 2.04 12.07 10.05
CA VAL A 76 2.38 12.69 8.79
C VAL A 76 1.84 11.74 7.71
N ALA A 77 0.77 12.14 7.06
CA ALA A 77 0.04 11.26 6.16
C ALA A 77 0.21 11.74 4.77
N MET A 78 0.44 10.80 3.83
CA MET A 78 0.67 11.20 2.46
CA MET A 78 0.87 11.12 2.47
C MET A 78 0.16 10.21 1.45
N ALA A 79 -0.15 10.75 0.27
CA ALA A 79 -0.58 9.94 -0.84
C ALA A 79 0.47 10.07 -1.92
N ALA A 80 0.93 8.94 -2.43
CA ALA A 80 2.04 8.90 -3.39
C ALA A 80 1.51 8.63 -4.78
N ASP A 81 2.04 9.38 -5.73
CA ASP A 81 1.90 9.05 -7.12
C ASP A 81 2.88 7.94 -7.46
N TYR A 82 2.55 7.17 -8.49
CA TYR A 82 3.46 6.14 -9.00
C TYR A 82 3.11 5.91 -10.45
N ARG A 83 4.08 5.43 -11.23
CA ARG A 83 3.86 5.24 -12.66
C ARG A 83 2.83 4.14 -12.89
N VAL A 84 2.04 4.31 -13.94
CA VAL A 84 0.99 3.39 -14.31
C VAL A 84 1.00 3.19 -15.83
N GLY A 85 0.39 2.10 -16.28
CA GLY A 85 0.38 1.71 -17.67
C GLY A 85 -0.15 2.74 -18.64
N SER A 86 -1.30 3.35 -18.32
CA SER A 86 -1.95 4.25 -19.28
C SER A 86 -1.21 5.56 -19.49
N ARG A 87 -0.46 6.02 -18.48
CA ARG A 87 0.27 7.27 -18.56
C ARG A 87 1.75 7.12 -18.87
N HIS A 88 2.35 6.00 -18.47
CA HIS A 88 3.81 5.84 -18.47
C HIS A 88 4.29 4.58 -19.18
N ASN A 89 3.36 3.74 -19.64
CA ASN A 89 3.67 2.49 -20.34
CA ASN A 89 3.70 2.50 -20.35
C ASN A 89 4.55 1.55 -19.52
N VAL A 90 4.39 1.59 -18.20
CA VAL A 90 5.18 0.74 -17.34
C VAL A 90 4.45 -0.58 -17.09
N LYS A 91 5.16 -1.51 -16.46
CA LYS A 91 4.56 -2.76 -16.00
CA LYS A 91 4.62 -2.79 -16.00
C LYS A 91 4.58 -2.83 -14.48
N VAL A 92 3.88 -3.82 -13.92
CA VAL A 92 3.75 -3.92 -12.45
C VAL A 92 5.08 -3.79 -11.70
N ALA A 93 6.15 -4.40 -12.18
CA ALA A 93 7.43 -4.33 -11.47
C ALA A 93 7.93 -2.89 -11.32
N ASP A 94 7.66 -2.05 -12.31
CA ASP A 94 7.98 -0.62 -12.24
C ASP A 94 7.17 0.06 -11.09
N CYS A 95 5.87 -0.22 -11.06
CA CYS A 95 5.03 0.35 -9.97
C CYS A 95 5.59 -0.04 -8.59
N VAL A 96 6.02 -1.30 -8.47
CA VAL A 96 6.59 -1.79 -7.24
C VAL A 96 7.87 -1.02 -6.92
N ALA A 97 8.73 -0.78 -7.91
CA ALA A 97 9.94 -0.01 -7.65
C ALA A 97 9.61 1.41 -7.16
N ASP A 98 8.58 2.02 -7.75
CA ASP A 98 8.19 3.38 -7.33
C ASP A 98 7.70 3.41 -5.86
N ALA A 99 6.85 2.45 -5.52
CA ALA A 99 6.35 2.32 -4.17
C ALA A 99 7.50 2.13 -3.18
N LYS A 100 8.45 1.24 -3.52
CA LYS A 100 9.67 1.11 -2.69
C LYS A 100 10.46 2.41 -2.61
N SER A 101 10.59 3.10 -3.74
CA SER A 101 11.27 4.43 -3.73
C SER A 101 10.56 5.45 -2.83
N ALA A 102 9.25 5.38 -2.73
CA ALA A 102 8.51 6.29 -1.86
C ALA A 102 8.83 6.05 -0.36
N ILE A 103 8.83 4.79 0.05
CA ILE A 103 9.10 4.45 1.46
C ILE A 103 10.56 4.82 1.78
N ARG A 104 11.47 4.54 0.85
CA ARG A 104 12.91 4.91 1.00
CA ARG A 104 12.88 4.87 1.05
C ARG A 104 13.10 6.38 1.22
N TRP A 105 12.41 7.15 0.38
CA TRP A 105 12.46 8.60 0.45
C TRP A 105 11.95 9.13 1.76
N VAL A 106 10.81 8.64 2.20
CA VAL A 106 10.26 9.09 3.49
C VAL A 106 11.24 8.75 4.62
N ARG A 107 11.80 7.54 4.57
CA ARG A 107 12.78 7.16 5.56
C ARG A 107 14.01 8.06 5.51
N GLN A 108 14.51 8.28 4.29
CA GLN A 108 15.71 9.13 4.03
C GLN A 108 15.51 10.53 4.56
N HIS A 109 14.30 11.06 4.36
CA HIS A 109 13.92 12.39 4.75
C HIS A 109 13.09 12.48 6.02
N ALA A 110 13.16 11.44 6.84
CA ALA A 110 12.34 11.30 8.05
C ALA A 110 12.53 12.49 8.99
N ALA A 111 13.79 12.90 9.20
CA ALA A 111 14.09 14.04 10.07
C ALA A 111 13.34 15.31 9.69
N GLU A 112 13.46 15.74 8.43
CA GLU A 112 12.83 16.98 8.03
CA GLU A 112 12.82 16.96 7.91
C GLU A 112 11.31 16.85 7.98
N LEU A 113 10.81 15.63 7.82
CA LEU A 113 9.36 15.37 7.83
C LEU A 113 8.76 15.31 9.23
N GLY A 114 9.59 15.35 10.27
CA GLY A 114 9.12 15.20 11.66
C GLY A 114 8.63 13.79 11.92
N VAL A 115 9.30 12.81 11.31
CA VAL A 115 8.86 11.42 11.30
C VAL A 115 9.84 10.46 11.94
N ASP A 116 9.31 9.48 12.67
CA ASP A 116 10.11 8.39 13.17
C ASP A 116 10.36 7.40 12.02
N PRO A 117 11.63 7.20 11.61
CA PRO A 117 11.91 6.37 10.45
C PRO A 117 11.58 4.87 10.62
N GLN A 118 11.24 4.45 11.83
CA GLN A 118 10.77 3.10 12.07
C GLN A 118 9.26 3.01 12.36
N LYS A 119 8.52 4.08 12.09
CA LYS A 119 7.04 4.03 12.18
C LYS A 119 6.39 4.49 10.88
N ILE A 120 6.85 3.92 9.78
CA ILE A 120 6.34 4.27 8.45
C ILE A 120 5.40 3.16 7.96
N VAL A 121 4.12 3.50 7.77
CA VAL A 121 3.08 2.56 7.37
C VAL A 121 2.88 2.69 5.87
N ALA A 122 2.86 1.57 5.17
CA ALA A 122 2.48 1.53 3.74
C ALA A 122 1.01 1.08 3.67
N SER A 123 0.23 1.75 2.84
CA SER A 123 -1.17 1.48 2.71
C SER A 123 -1.62 1.68 1.28
N GLY A 124 -2.73 1.05 0.91
CA GLY A 124 -3.28 1.23 -0.43
C GLY A 124 -4.47 0.34 -0.72
N GLY A 125 -5.09 0.62 -1.86
CA GLY A 125 -6.29 -0.06 -2.30
C GLY A 125 -6.03 -0.87 -3.54
N SER A 126 -6.40 -2.14 -3.50
CA SER A 126 -6.34 -3.02 -4.66
C SER A 126 -4.92 -3.11 -5.25
N ALA A 127 -4.69 -2.69 -6.49
CA ALA A 127 -3.33 -2.63 -6.99
C ALA A 127 -2.38 -1.85 -6.06
N GLY A 128 -2.86 -0.76 -5.45
CA GLY A 128 -2.06 0.01 -4.52
C GLY A 128 -1.84 -0.71 -3.21
N GLY A 129 -2.79 -1.53 -2.82
CA GLY A 129 -2.66 -2.46 -1.66
C GLY A 129 -1.59 -3.49 -1.91
N HIS A 130 -1.58 -4.03 -3.13
CA HIS A 130 -0.50 -4.87 -3.63
C HIS A 130 0.85 -4.20 -3.47
N LEU A 131 0.96 -2.96 -3.92
CA LEU A 131 2.23 -2.23 -3.78
C LEU A 131 2.65 -2.08 -2.32
N ALA A 132 1.71 -1.68 -1.47
CA ALA A 132 1.96 -1.57 -0.04
C ALA A 132 2.46 -2.88 0.53
N ALA A 133 1.79 -3.97 0.20
CA ALA A 133 2.25 -5.28 0.63
C ALA A 133 3.68 -5.60 0.12
N CYS A 134 3.99 -5.25 -1.12
CA CYS A 134 5.35 -5.44 -1.67
C CYS A 134 6.41 -4.69 -0.88
N THR A 135 6.09 -3.48 -0.43
CA THR A 135 7.04 -2.70 0.38
C THR A 135 7.30 -3.33 1.75
N VAL A 136 6.36 -4.12 2.28
CA VAL A 136 6.52 -4.79 3.58
CA VAL A 136 6.59 -4.75 3.60
C VAL A 136 7.26 -6.11 3.47
N MET A 137 7.06 -6.82 2.36
CA MET A 137 7.47 -8.22 2.33
C MET A 137 8.15 -8.81 1.10
N VAL A 138 8.21 -8.09 -0.03
CA VAL A 138 8.84 -8.60 -1.23
CA VAL A 138 8.89 -8.64 -1.21
C VAL A 138 10.24 -7.98 -1.36
N PRO A 139 11.25 -8.79 -1.72
CA PRO A 139 12.57 -8.16 -1.90
C PRO A 139 12.57 -7.10 -3.00
N ASP A 140 13.39 -6.06 -2.82
CA ASP A 140 13.62 -5.08 -3.87
C ASP A 140 14.06 -5.82 -5.14
N LEU A 141 13.52 -5.43 -6.28
CA LEU A 141 13.91 -6.02 -7.56
C LEU A 141 14.98 -5.22 -8.30
N GLU A 142 15.13 -3.96 -7.96
CA GLU A 142 16.08 -3.08 -8.64
C GLU A 142 16.66 -2.11 -7.64
N ALA A 143 17.94 -1.79 -7.84
CA ALA A 143 18.65 -0.90 -6.96
C ALA A 143 18.29 0.49 -7.45
N PRO A 144 17.94 1.37 -6.52
CA PRO A 144 17.53 2.70 -6.94
C PRO A 144 18.73 3.56 -7.28
N GLU A 145 18.57 4.48 -8.23
CA GLU A 145 19.60 5.51 -8.48
C GLU A 145 19.62 6.59 -7.35
N GLU A 146 18.55 6.64 -6.54
CA GLU A 146 18.50 7.48 -5.33
C GLU A 146 18.40 6.66 -4.03
N ASP A 147 19.16 7.07 -3.02
CA ASP A 147 18.97 6.68 -1.61
C ASP A 147 19.33 5.22 -1.34
N HIS A 148 20.51 4.85 -1.80
CA HIS A 148 20.81 3.46 -2.14
C HIS A 148 20.85 2.55 -0.91
N THR A 149 21.31 3.11 0.22
CA THR A 149 21.58 2.35 1.46
C THR A 149 20.47 2.41 2.54
N ILE A 150 19.43 3.19 2.29
CA ILE A 150 18.25 3.29 3.19
C ILE A 150 17.29 2.13 2.87
N SER A 151 16.72 1.48 3.89
CA SER A 151 15.72 0.43 3.64
C SER A 151 14.42 0.97 2.99
N SER A 152 13.92 0.23 2.01
CA SER A 152 12.60 0.48 1.42
C SER A 152 11.44 -0.16 2.21
N GLN A 153 11.74 -0.88 3.29
CA GLN A 153 10.76 -1.75 3.88
C GLN A 153 9.90 -0.95 4.82
N ALA A 154 8.60 -0.99 4.62
CA ALA A 154 7.68 -0.36 5.59
C ALA A 154 7.64 -1.11 6.92
N ASN A 155 7.27 -0.39 7.98
CA ASN A 155 7.21 -0.94 9.31
C ASN A 155 5.84 -1.54 9.67
N ALA A 156 4.84 -1.27 8.85
CA ALA A 156 3.52 -1.87 9.01
C ALA A 156 2.76 -1.65 7.73
N ALA A 157 1.68 -2.39 7.55
CA ALA A 157 0.79 -2.14 6.42
C ALA A 157 -0.70 -2.14 6.76
N ILE A 158 -1.45 -1.32 6.00
CA ILE A 158 -2.91 -1.25 6.11
C ILE A 158 -3.46 -1.38 4.69
N LEU A 159 -4.04 -2.54 4.40
CA LEU A 159 -4.42 -2.89 3.05
C LEU A 159 -5.93 -2.90 2.86
N PHE A 160 -6.38 -2.23 1.81
CA PHE A 160 -7.79 -2.16 1.46
C PHE A 160 -7.97 -3.01 0.20
N ASN A 161 -8.76 -4.07 0.30
CA ASN A 161 -8.87 -5.18 -0.70
C ASN A 161 -7.68 -5.36 -1.66
N PRO A 162 -6.52 -5.70 -1.11
CA PRO A 162 -5.32 -5.81 -1.93
C PRO A 162 -5.32 -6.98 -2.87
N VAL A 163 -4.47 -6.92 -3.89
CA VAL A 163 -4.11 -8.10 -4.67
C VAL A 163 -2.86 -8.70 -4.02
N LEU A 164 -2.92 -9.94 -3.57
CA LEU A 164 -1.78 -10.57 -2.86
C LEU A 164 -1.21 -11.86 -3.49
N ILE A 165 -1.94 -12.49 -4.43
CA ILE A 165 -1.49 -13.67 -5.15
C ILE A 165 -1.41 -13.32 -6.63
N LEU A 166 -0.19 -13.33 -7.18
CA LEU A 166 0.08 -12.99 -8.56
C LEU A 166 0.70 -14.13 -9.39
N SER A 167 1.02 -15.25 -8.75
CA SER A 167 1.52 -16.46 -9.39
C SER A 167 0.63 -17.61 -8.98
N ARG A 168 0.50 -18.62 -9.83
CA ARG A 168 -0.28 -19.80 -9.47
C ARG A 168 0.56 -20.92 -8.87
N GLU A 169 1.87 -20.71 -8.74
CA GLU A 169 2.74 -21.72 -8.15
C GLU A 169 2.37 -22.02 -6.71
N GLY A 170 2.58 -23.28 -6.32
CA GLY A 170 2.18 -23.75 -4.99
C GLY A 170 0.68 -23.64 -4.66
N LEU A 171 -0.19 -23.56 -5.67
CA LEU A 171 -1.64 -23.58 -5.47
C LEU A 171 -2.22 -24.93 -5.94
N LYS A 172 -3.54 -25.09 -5.83
CA LYS A 172 -4.21 -26.36 -6.20
C LYS A 172 -4.81 -26.23 -7.61
N ASP A 173 -4.02 -25.68 -8.54
CA ASP A 173 -4.41 -25.63 -9.95
C ASP A 173 -4.20 -27.06 -10.44
N HIS A 174 -5.23 -27.62 -11.07
CA HIS A 174 -5.29 -29.07 -11.34
C HIS A 174 -4.35 -29.52 -12.48
N VAL A 175 -4.04 -28.61 -13.41
CA VAL A 175 -3.06 -28.84 -14.49
C VAL A 175 -1.92 -27.80 -14.38
N PRO A 176 -0.67 -28.20 -14.72
CA PRO A 176 0.39 -27.20 -14.89
C PRO A 176 0.10 -26.26 -16.06
N ARG A 177 -0.10 -24.98 -15.77
CA ARG A 177 -0.23 -23.95 -16.79
C ARG A 177 0.98 -23.03 -16.71
N GLN A 178 2.14 -23.61 -17.00
CA GLN A 178 3.38 -22.85 -17.20
C GLN A 178 3.21 -21.73 -18.22
N ASP A 179 2.36 -21.97 -19.22
CA ASP A 179 2.03 -20.92 -20.21
C ASP A 179 1.41 -19.68 -19.57
N TRP A 180 0.54 -19.90 -18.58
CA TRP A 180 -0.09 -18.78 -17.85
C TRP A 180 0.94 -17.99 -17.07
N GLU A 181 1.94 -18.68 -16.53
CA GLU A 181 3.06 -18.03 -15.85
C GLU A 181 3.96 -17.23 -16.81
N GLU A 182 4.20 -17.74 -18.01
CA GLU A 182 5.03 -17.05 -19.04
CA GLU A 182 5.07 -17.00 -18.92
C GLU A 182 4.33 -15.78 -19.50
N ARG A 183 3.01 -15.86 -19.66
CA ARG A 183 2.20 -14.68 -20.01
C ARG A 183 2.23 -13.63 -18.90
N LEU A 184 2.16 -14.10 -17.65
CA LEU A 184 2.27 -13.22 -16.48
C LEU A 184 3.63 -12.55 -16.40
N ARG A 185 4.69 -13.31 -16.71
CA ARG A 185 6.04 -12.73 -16.74
C ARG A 185 6.09 -11.55 -17.72
N GLU A 186 5.49 -11.72 -18.91
CA GLU A 186 5.49 -10.66 -19.91
CA GLU A 186 5.42 -10.67 -19.93
C GLU A 186 4.64 -9.46 -19.45
N ARG A 187 3.48 -9.71 -18.82
CA ARG A 187 2.65 -8.62 -18.28
C ARG A 187 3.31 -7.88 -17.10
N LEU A 188 3.89 -8.62 -16.18
CA LEU A 188 4.41 -8.04 -14.94
C LEU A 188 5.79 -7.42 -15.03
N GLY A 189 6.55 -7.74 -16.07
CA GLY A 189 7.92 -7.28 -16.19
C GLY A 189 8.96 -8.00 -15.36
N THR A 190 8.59 -9.16 -14.82
CA THR A 190 9.47 -9.99 -14.02
C THR A 190 8.80 -11.34 -13.81
N GLU A 191 9.51 -12.23 -13.14
CA GLU A 191 8.95 -13.50 -12.69
CA GLU A 191 8.96 -13.49 -12.65
C GLU A 191 7.75 -13.19 -11.74
N PRO A 192 6.58 -13.79 -12.01
CA PRO A 192 5.39 -13.47 -11.20
C PRO A 192 5.56 -13.60 -9.70
N LYS A 193 6.28 -14.63 -9.24
CA LYS A 193 6.53 -14.83 -7.81
CA LYS A 193 6.53 -14.83 -7.81
C LYS A 193 7.23 -13.64 -7.16
N ALA A 194 8.08 -12.95 -7.94
CA ALA A 194 8.86 -11.83 -7.41
C ALA A 194 8.03 -10.59 -7.09
N VAL A 195 6.80 -10.49 -7.61
CA VAL A 195 5.85 -9.43 -7.19
C VAL A 195 4.55 -10.03 -6.59
N SER A 196 4.64 -11.23 -6.00
CA SER A 196 3.48 -11.93 -5.43
C SER A 196 3.67 -12.04 -3.93
N PRO A 197 3.03 -11.14 -3.16
CA PRO A 197 3.22 -11.15 -1.72
C PRO A 197 3.04 -12.54 -1.08
N TYR A 198 2.05 -13.28 -1.53
CA TYR A 198 1.76 -14.61 -0.96
C TYR A 198 2.97 -15.54 -1.01
N HIS A 199 3.79 -15.41 -2.06
CA HIS A 199 4.95 -16.26 -2.25
C HIS A 199 6.16 -15.84 -1.44
N HIS A 200 5.99 -14.84 -0.56
CA HIS A 200 7.06 -14.33 0.28
C HIS A 200 6.67 -14.31 1.76
N ILE A 201 5.69 -15.14 2.11
CA ILE A 201 5.26 -15.28 3.47
C ILE A 201 6.37 -15.97 4.22
N ARG A 202 6.82 -15.34 5.29
CA ARG A 202 7.86 -15.90 6.16
C ARG A 202 7.71 -15.26 7.54
N ALA A 203 8.36 -15.85 8.54
CA ALA A 203 8.31 -15.32 9.90
C ALA A 203 9.08 -14.03 9.97
N GLY A 204 8.76 -13.22 10.99
CA GLY A 204 9.48 -11.99 11.27
C GLY A 204 9.12 -10.81 10.38
N LEU A 205 7.91 -10.78 9.84
CA LEU A 205 7.48 -9.68 8.99
C LEU A 205 6.75 -8.62 9.77
N PRO A 206 6.70 -7.40 9.22
CA PRO A 206 5.94 -6.37 9.88
C PRO A 206 4.44 -6.66 9.97
N PRO A 207 3.78 -6.05 10.95
CA PRO A 207 2.38 -6.30 11.17
C PRO A 207 1.50 -5.61 10.15
N MET A 208 0.30 -6.15 9.96
CA MET A 208 -0.65 -5.58 9.02
C MET A 208 -2.11 -5.89 9.33
N ILE A 209 -2.98 -5.07 8.77
CA ILE A 209 -4.42 -5.23 8.80
C ILE A 209 -4.92 -5.17 7.37
N ILE A 210 -5.90 -6.03 7.06
CA ILE A 210 -6.45 -6.17 5.71
C ILE A 210 -7.97 -6.07 5.80
N PHE A 211 -8.57 -5.22 4.98
CA PHE A 211 -10.02 -5.08 4.88
C PHE A 211 -10.42 -5.63 3.53
N HIS A 212 -11.31 -6.63 3.50
CA HIS A 212 -11.72 -7.24 2.23
C HIS A 212 -13.17 -7.65 2.25
N GLY A 213 -13.88 -7.36 1.16
CA GLY A 213 -15.30 -7.74 1.03
C GLY A 213 -15.43 -9.20 0.66
N THR A 214 -16.41 -9.90 1.23
CA THR A 214 -16.56 -11.32 0.95
C THR A 214 -17.22 -11.57 -0.42
N ALA A 215 -17.82 -10.54 -1.01
CA ALA A 215 -18.43 -10.62 -2.33
C ALA A 215 -17.59 -9.90 -3.38
N ASP A 216 -16.26 -9.96 -3.24
CA ASP A 216 -15.36 -9.26 -4.13
C ASP A 216 -15.18 -10.12 -5.38
N ASN A 217 -15.64 -9.62 -6.52
CA ASN A 217 -15.53 -10.34 -7.81
C ASN A 217 -14.27 -10.00 -8.60
N THR A 218 -13.45 -9.07 -8.10
CA THR A 218 -12.15 -8.75 -8.73
C THR A 218 -11.01 -9.51 -8.06
N VAL A 219 -10.92 -9.38 -6.74
CA VAL A 219 -9.94 -10.15 -5.96
C VAL A 219 -10.70 -11.07 -5.02
N PRO A 220 -10.68 -12.38 -5.30
CA PRO A 220 -11.48 -13.27 -4.47
C PRO A 220 -11.06 -13.22 -3.01
N PHE A 221 -12.06 -13.13 -2.15
CA PHE A 221 -11.83 -13.17 -0.71
C PHE A 221 -11.01 -14.37 -0.29
N GLU A 222 -11.24 -15.52 -0.91
CA GLU A 222 -10.49 -16.71 -0.57
C GLU A 222 -8.96 -16.55 -0.74
N THR A 223 -8.49 -15.80 -1.74
CA THR A 223 -7.04 -15.55 -1.86
C THR A 223 -6.48 -14.85 -0.61
N ILE A 224 -7.25 -13.91 -0.09
CA ILE A 224 -6.89 -13.14 1.13
C ILE A 224 -6.94 -14.01 2.40
N ARG A 225 -7.97 -14.85 2.52
CA ARG A 225 -8.08 -15.78 3.66
C ARG A 225 -6.86 -16.72 3.66
N LEU A 226 -6.49 -17.25 2.50
CA LEU A 226 -5.30 -18.10 2.38
C LEU A 226 -4.07 -17.36 2.83
N PHE A 227 -3.91 -16.13 2.34
CA PHE A 227 -2.78 -15.30 2.73
C PHE A 227 -2.72 -15.10 4.24
N ALA A 228 -3.84 -14.66 4.83
CA ALA A 228 -3.86 -14.34 6.26
C ALA A 228 -3.61 -15.60 7.09
N GLU A 229 -4.22 -16.72 6.70
CA GLU A 229 -4.03 -17.95 7.46
CA GLU A 229 -4.03 -18.02 7.38
C GLU A 229 -2.55 -18.38 7.44
N ALA A 230 -1.90 -18.24 6.28
CA ALA A 230 -0.46 -18.56 6.18
C ALA A 230 0.43 -17.59 6.96
N MET A 231 0.10 -16.30 6.92
CA MET A 231 0.83 -15.31 7.71
C MET A 231 0.77 -15.60 9.21
N LYS A 232 -0.42 -15.92 9.70
CA LYS A 232 -0.62 -16.25 11.12
C LYS A 232 0.17 -17.51 11.49
N LYS A 233 0.10 -18.54 10.66
CA LYS A 233 0.90 -19.75 10.86
C LYS A 233 2.40 -19.44 10.90
N ALA A 234 2.85 -18.39 10.20
CA ALA A 234 4.27 -17.97 10.29
C ALA A 234 4.56 -17.07 11.47
N GLY A 235 3.55 -16.83 12.31
CA GLY A 235 3.72 -16.04 13.50
C GLY A 235 3.61 -14.54 13.33
N ASN A 236 3.13 -14.08 12.17
CA ASN A 236 2.95 -12.66 11.92
C ASN A 236 1.59 -12.17 12.41
N ARG A 237 1.54 -10.89 12.77
CA ARG A 237 0.29 -10.23 13.10
CA ARG A 237 0.29 -10.23 13.10
C ARG A 237 -0.31 -9.76 11.78
N CYS A 238 -1.36 -10.43 11.37
CA CYS A 238 -2.04 -10.15 10.12
C CYS A 238 -3.55 -10.22 10.33
N GLU A 239 -4.16 -9.06 10.60
CA GLU A 239 -5.54 -8.98 11.00
C GLU A 239 -6.41 -8.87 9.75
N LEU A 240 -7.27 -9.86 9.55
CA LEU A 240 -8.15 -9.91 8.39
C LEU A 240 -9.56 -9.55 8.86
N VAL A 241 -10.05 -8.44 8.35
CA VAL A 241 -11.40 -7.95 8.62
C VAL A 241 -12.29 -8.16 7.39
N PRO A 242 -13.15 -9.20 7.41
CA PRO A 242 -14.08 -9.37 6.32
C PRO A 242 -15.24 -8.39 6.40
N PHE A 243 -15.70 -7.96 5.22
CA PHE A 243 -16.90 -7.17 5.09
C PHE A 243 -17.92 -8.02 4.34
N GLU A 244 -18.80 -8.65 5.12
CA GLU A 244 -19.77 -9.60 4.54
CA GLU A 244 -19.87 -9.54 4.63
C GLU A 244 -20.63 -8.91 3.46
N GLY A 245 -20.65 -9.56 2.31
CA GLY A 245 -21.41 -9.09 1.16
C GLY A 245 -20.86 -7.90 0.40
N ALA A 246 -19.72 -7.35 0.83
CA ALA A 246 -19.22 -6.13 0.23
C ALA A 246 -18.46 -6.47 -1.05
N ALA A 247 -18.50 -5.53 -1.99
CA ALA A 247 -17.84 -5.65 -3.26
C ALA A 247 -16.48 -4.94 -3.25
N HIS A 248 -15.71 -5.15 -4.32
CA HIS A 248 -14.42 -4.47 -4.52
C HIS A 248 -14.62 -2.99 -4.46
N GLY A 249 -13.79 -2.29 -3.68
CA GLY A 249 -13.91 -0.83 -3.56
C GLY A 249 -14.86 -0.32 -2.49
N PHE A 250 -15.50 -1.24 -1.76
CA PHE A 250 -16.47 -0.94 -0.69
C PHE A 250 -16.04 0.13 0.32
N PHE A 251 -14.73 0.20 0.57
CA PHE A 251 -14.11 1.01 1.63
C PHE A 251 -13.98 2.48 1.25
N ASN A 252 -14.10 2.79 -0.03
CA ASN A 252 -13.83 4.16 -0.51
C ASN A 252 -14.74 5.22 0.09
N PHE A 253 -14.17 6.39 0.33
CA PHE A 253 -14.97 7.56 0.67
C PHE A 253 -16.01 7.75 -0.43
N GLY A 254 -17.26 8.01 -0.07
CA GLY A 254 -18.36 8.21 -1.07
C GLY A 254 -19.21 6.99 -1.42
N ARG A 255 -18.79 5.80 -0.96
CA ARG A 255 -19.51 4.54 -1.19
CA ARG A 255 -19.50 4.52 -1.18
C ARG A 255 -20.42 4.22 0.00
N GLY A 256 -21.58 3.61 -0.29
CA GLY A 256 -22.49 3.10 0.75
C GLY A 256 -22.62 3.92 2.02
N ASP A 257 -22.93 5.21 1.84
CA ASP A 257 -23.15 6.18 2.95
C ASP A 257 -21.91 6.44 3.79
N ASN A 258 -20.73 6.15 3.26
CA ASN A 258 -19.48 6.19 4.03
C ASN A 258 -19.43 5.32 5.28
N LEU A 259 -20.29 4.29 5.38
CA LEU A 259 -20.25 3.40 6.55
C LEU A 259 -18.99 2.53 6.58
N ALA A 260 -18.68 1.90 5.44
CA ALA A 260 -17.47 1.09 5.36
C ALA A 260 -16.19 1.95 5.43
N TYR A 261 -16.21 3.13 4.80
CA TYR A 261 -15.16 4.13 4.97
C TYR A 261 -14.87 4.41 6.43
N GLN A 262 -15.91 4.74 7.19
CA GLN A 262 -15.74 5.11 8.61
CA GLN A 262 -15.76 5.11 8.60
C GLN A 262 -15.28 3.92 9.42
N LYS A 263 -15.86 2.76 9.15
CA LYS A 263 -15.51 1.56 9.87
C LYS A 263 -14.03 1.16 9.63
N THR A 264 -13.58 1.21 8.38
CA THR A 264 -12.19 0.86 8.08
C THR A 264 -11.25 1.83 8.73
N LEU A 265 -11.60 3.11 8.78
CA LEU A 265 -10.76 4.06 9.47
C LEU A 265 -10.67 3.82 10.97
N GLU A 266 -11.81 3.58 11.63
CA GLU A 266 -11.80 3.23 13.06
CA GLU A 266 -11.81 3.25 13.06
C GLU A 266 -10.90 2.04 13.34
N LEU A 267 -11.08 0.97 12.56
CA LEU A 267 -10.30 -0.23 12.76
C LEU A 267 -8.80 -0.05 12.40
N ALA A 268 -8.51 0.69 11.34
CA ALA A 268 -7.10 0.98 11.02
C ALA A 268 -6.45 1.77 12.16
N ASP A 269 -7.19 2.74 12.67
CA ASP A 269 -6.79 3.56 13.82
C ASP A 269 -6.51 2.68 15.01
N GLU A 270 -7.44 1.80 15.38
CA GLU A 270 -7.19 0.91 16.52
CA GLU A 270 -7.20 0.90 16.51
C GLU A 270 -5.96 0.04 16.27
N PHE A 271 -5.79 -0.44 15.04
CA PHE A 271 -4.59 -1.22 14.72
C PHE A 271 -3.29 -0.46 15.05
N LEU A 272 -3.20 0.78 14.59
CA LEU A 272 -2.04 1.61 14.80
C LEU A 272 -1.83 1.90 16.28
N VAL A 273 -2.90 2.00 17.05
CA VAL A 273 -2.75 2.12 18.50
C VAL A 273 -2.19 0.81 19.08
N GLU A 274 -2.74 -0.30 18.62
CA GLU A 274 -2.33 -1.64 19.06
C GLU A 274 -0.84 -1.86 18.86
N ILE A 275 -0.31 -1.46 17.70
CA ILE A 275 1.10 -1.66 17.40
C ILE A 275 2.02 -0.54 17.89
N GLY A 276 1.45 0.45 18.58
CA GLY A 276 2.22 1.50 19.19
C GLY A 276 2.61 2.61 18.26
N PHE A 277 1.92 2.75 17.13
CA PHE A 277 2.26 3.80 16.17
C PHE A 277 1.47 5.08 16.44
N LEU A 278 0.32 4.97 17.12
CA LEU A 278 -0.53 6.10 17.44
C LEU A 278 -0.81 6.03 18.93
N ALA A 279 -0.99 7.21 19.52
CA ALA A 279 -1.43 7.33 20.89
C ALA A 279 -2.92 7.04 20.93
N PRO A 280 -3.42 6.43 22.02
CA PRO A 280 -4.88 6.26 22.11
C PRO A 280 -5.60 7.60 22.05
N LYS A 281 -6.83 7.59 21.56
CA LYS A 281 -7.61 8.84 21.46
C LYS A 281 -7.81 9.48 22.85
N GLY A 282 -7.49 10.78 22.95
CA GLY A 282 -7.51 11.51 24.20
C GLY A 282 -6.11 11.88 24.64
#